data_6XND
#
_entry.id   6XND
#
_cell.length_a   46.526
_cell.length_b   79.254
_cell.length_c   74.683
_cell.angle_alpha   90.000
_cell.angle_beta   105.460
_cell.angle_gamma   90.000
#
_symmetry.space_group_name_H-M   'P 1 21 1'
#
loop_
_entity.id
_entity.type
_entity.pdbx_description
1 polymer Avidin
2 non-polymer N-[2-(2-hydroxy-5-nitrophenyl)ethyl]-5-[(3aS,4S,6aS)-2-oxohexahydro-1H-thieno[3,4-d]imidazol-4-yl]pentanamide
3 water water
#
_entity_poly.entity_id   1
_entity_poly.type   'polypeptide(L)'
_entity_poly.pdbx_seq_one_letter_code
;ARKCSLTGKWTNDLGSNMTIGAVNSRGEFTGTYTTAVTATSNEIKESPLHGTENTINKRTQPTFGFTVNWKFSESTTVFT
GQCFIDRNGKEVLKTMWLLRSSVNDIGDDWKATRVGINIFTRLRTQKE
;
_entity_poly.pdbx_strand_id   A,B,C,D
#
# COMPACT_ATOMS: atom_id res chain seq x y z
N LYS A 3 -16.87 15.60 -18.93
CA LYS A 3 -16.96 14.78 -17.74
C LYS A 3 -16.37 13.40 -17.99
N CYS A 4 -15.65 12.88 -17.00
CA CYS A 4 -14.96 11.60 -17.12
C CYS A 4 -15.91 10.48 -16.70
N SER A 5 -16.22 9.58 -17.63
CA SER A 5 -17.21 8.54 -17.42
C SER A 5 -16.57 7.16 -17.47
N LEU A 6 -16.96 6.29 -16.54
CA LEU A 6 -16.33 4.98 -16.44
C LEU A 6 -16.86 3.99 -17.47
N THR A 7 -18.08 4.19 -17.97
CA THR A 7 -18.64 3.28 -18.95
C THR A 7 -17.79 3.25 -20.21
N GLY A 8 -17.54 2.05 -20.71
CA GLY A 8 -16.77 1.84 -21.92
C GLY A 8 -15.72 0.78 -21.72
N LYS A 9 -14.79 0.72 -22.67
CA LYS A 9 -13.69 -0.23 -22.66
C LYS A 9 -12.39 0.50 -22.40
N TRP A 10 -11.53 -0.11 -21.58
CA TRP A 10 -10.29 0.51 -21.15
C TRP A 10 -9.15 -0.49 -21.25
N THR A 11 -7.94 0.03 -21.38
CA THR A 11 -6.73 -0.78 -21.40
C THR A 11 -5.71 -0.11 -20.48
N ASN A 12 -4.88 -0.92 -19.83
CA ASN A 12 -3.95 -0.34 -18.87
C ASN A 12 -2.50 -0.63 -19.31
N ASP A 13 -1.58 -0.10 -18.50
CA ASP A 13 -0.16 -0.12 -18.83
C ASP A 13 0.44 -1.52 -18.87
N LEU A 14 -0.23 -2.52 -18.28
CA LEU A 14 0.25 -3.89 -18.39
C LEU A 14 -0.34 -4.62 -19.60
N GLY A 15 -1.24 -3.98 -20.33
CA GLY A 15 -1.93 -4.62 -21.43
C GLY A 15 -3.27 -5.24 -21.08
N SER A 16 -3.72 -5.16 -19.83
CA SER A 16 -5.02 -5.68 -19.47
C SER A 16 -6.13 -4.79 -20.01
N ASN A 17 -7.29 -5.40 -20.24
CA ASN A 17 -8.47 -4.69 -20.71
C ASN A 17 -9.62 -4.90 -19.73
N MET A 18 -10.50 -3.92 -19.65
CA MET A 18 -11.75 -4.08 -18.93
C MET A 18 -12.87 -3.37 -19.68
N THR A 19 -14.08 -3.88 -19.51
CA THR A 19 -15.29 -3.26 -20.02
C THR A 19 -16.18 -2.95 -18.84
N ILE A 20 -16.68 -1.72 -18.78
CA ILE A 20 -17.58 -1.30 -17.71
C ILE A 20 -18.89 -0.90 -18.34
N GLY A 21 -19.99 -1.43 -17.80
CA GLY A 21 -21.32 -1.13 -18.28
C GLY A 21 -21.80 0.23 -17.83
N ALA A 22 -23.12 0.42 -17.93
CA ALA A 22 -23.72 1.69 -17.55
C ALA A 22 -23.62 1.89 -16.05
N VAL A 23 -23.45 3.15 -15.64
CA VAL A 23 -23.41 3.53 -14.24
C VAL A 23 -24.79 4.08 -13.88
N ASN A 24 -25.47 3.45 -12.93
CA ASN A 24 -26.82 3.89 -12.63
C ASN A 24 -26.79 5.13 -11.75
N SER A 25 -27.98 5.59 -11.33
CA SER A 25 -28.10 6.85 -10.61
C SER A 25 -27.44 6.80 -9.24
N ARG A 26 -27.19 5.61 -8.70
CA ARG A 26 -26.49 5.47 -7.42
C ARG A 26 -24.99 5.27 -7.61
N GLY A 27 -24.48 5.38 -8.84
CA GLY A 27 -23.07 5.22 -9.09
C GLY A 27 -22.61 3.80 -9.25
N GLU A 28 -23.51 2.84 -9.26
CA GLU A 28 -23.14 1.43 -9.31
C GLU A 28 -22.84 0.97 -10.74
N PHE A 29 -21.82 0.13 -10.88
CA PHE A 29 -21.52 -0.41 -12.20
C PHE A 29 -20.97 -1.82 -12.07
N THR A 30 -21.02 -2.55 -13.18
CA THR A 30 -20.46 -3.89 -13.30
C THR A 30 -19.72 -3.97 -14.62
N GLY A 31 -18.91 -5.01 -14.77
CA GLY A 31 -18.14 -5.16 -15.98
C GLY A 31 -17.42 -6.48 -16.01
N THR A 32 -16.44 -6.56 -16.90
CA THR A 32 -15.57 -7.73 -17.01
C THR A 32 -14.14 -7.24 -17.19
N TYR A 33 -13.20 -8.06 -16.72
CA TYR A 33 -11.79 -7.71 -16.68
C TYR A 33 -10.99 -8.85 -17.30
N THR A 34 -10.12 -8.53 -18.25
CA THR A 34 -9.19 -9.51 -18.82
C THR A 34 -7.78 -9.04 -18.52
N THR A 35 -7.14 -9.67 -17.54
CA THR A 35 -5.79 -9.31 -17.18
C THR A 35 -4.81 -9.85 -18.22
N ALA A 36 -3.79 -9.06 -18.52
CA ALA A 36 -2.72 -9.52 -19.39
C ALA A 36 -1.68 -10.35 -18.65
N VAL A 37 -1.69 -10.31 -17.32
CA VAL A 37 -0.65 -10.93 -16.51
C VAL A 37 -1.29 -11.67 -15.35
N THR A 38 -0.60 -12.68 -14.85
CA THR A 38 -1.05 -13.39 -13.67
C THR A 38 0.16 -13.94 -12.93
N ALA A 39 -0.01 -14.16 -11.62
CA ALA A 39 1.00 -14.84 -10.83
C ALA A 39 0.75 -16.34 -10.71
N THR A 40 -0.43 -16.80 -11.14
CA THR A 40 -0.74 -18.22 -11.17
C THR A 40 -0.18 -18.87 -12.42
N SER A 41 -0.12 -20.21 -12.40
CA SER A 41 0.12 -20.93 -13.64
C SER A 41 -1.17 -21.19 -14.41
N ASN A 42 -2.32 -20.97 -13.78
CA ASN A 42 -3.61 -21.24 -14.42
C ASN A 42 -3.85 -20.32 -15.60
N GLU A 43 -4.63 -20.80 -16.55
CA GLU A 43 -4.95 -20.04 -17.73
C GLU A 43 -5.86 -18.87 -17.37
N ILE A 44 -5.52 -17.68 -17.88
CA ILE A 44 -6.29 -16.48 -17.58
C ILE A 44 -7.68 -16.61 -18.17
N LYS A 45 -8.69 -16.28 -17.36
CA LYS A 45 -10.08 -16.28 -17.78
C LYS A 45 -10.69 -14.93 -17.50
N GLU A 46 -11.54 -14.46 -18.42
CA GLU A 46 -12.29 -13.23 -18.18
C GLU A 46 -13.06 -13.32 -16.86
N SER A 47 -13.02 -12.24 -16.09
CA SER A 47 -13.55 -12.25 -14.74
C SER A 47 -14.42 -11.03 -14.49
N PRO A 48 -15.48 -11.16 -13.67
CA PRO A 48 -16.38 -10.03 -13.45
C PRO A 48 -15.81 -9.01 -12.48
N LEU A 49 -16.25 -7.77 -12.66
CA LEU A 49 -15.91 -6.70 -11.73
C LEU A 49 -17.20 -6.01 -11.29
N HIS A 50 -17.17 -5.48 -10.08
CA HIS A 50 -18.31 -4.78 -9.49
C HIS A 50 -17.79 -3.59 -8.70
N GLY A 51 -18.40 -2.43 -8.88
CA GLY A 51 -17.90 -1.27 -8.16
C GLY A 51 -18.89 -0.13 -8.17
N THR A 52 -18.41 1.02 -7.70
CA THR A 52 -19.19 2.24 -7.62
C THR A 52 -18.30 3.41 -7.99
N GLU A 53 -18.89 4.43 -8.59
CA GLU A 53 -18.20 5.69 -8.69
C GLU A 53 -18.91 6.69 -7.79
N ASN A 54 -18.12 7.58 -7.22
CA ASN A 54 -18.61 8.55 -6.24
C ASN A 54 -19.17 9.76 -6.97
N THR A 55 -20.40 10.13 -6.62
CA THR A 55 -21.09 11.23 -7.29
C THR A 55 -21.24 12.46 -6.40
N ILE A 56 -20.66 12.44 -5.20
CA ILE A 56 -20.81 13.58 -4.30
C ILE A 56 -20.25 14.83 -4.98
N ASN A 57 -21.12 15.84 -5.13
CA ASN A 57 -20.80 17.16 -5.68
C ASN A 57 -20.55 17.15 -7.18
N LYS A 58 -21.22 16.25 -7.91
CA LYS A 58 -21.24 16.24 -9.38
C LYS A 58 -19.86 16.48 -9.98
N ARG A 59 -18.82 15.90 -9.39
CA ARG A 59 -17.47 16.18 -9.83
C ARG A 59 -17.25 15.66 -11.24
N THR A 60 -16.62 16.48 -12.08
CA THR A 60 -16.28 16.04 -13.43
C THR A 60 -15.19 14.97 -13.41
N GLN A 61 -14.48 14.82 -12.31
CA GLN A 61 -13.38 13.86 -12.17
C GLN A 61 -13.62 13.03 -10.91
N PRO A 62 -14.57 12.09 -10.97
CA PRO A 62 -15.00 11.39 -9.75
C PRO A 62 -14.04 10.29 -9.34
N THR A 63 -14.07 9.97 -8.04
CA THR A 63 -13.38 8.78 -7.57
C THR A 63 -14.26 7.55 -7.79
N PHE A 64 -13.65 6.38 -7.68
CA PHE A 64 -14.35 5.13 -7.90
C PHE A 64 -13.55 4.02 -7.26
N GLY A 65 -14.19 2.85 -7.13
CA GLY A 65 -13.48 1.63 -6.79
C GLY A 65 -14.21 0.46 -7.36
N PHE A 66 -13.49 -0.64 -7.55
CA PHE A 66 -14.18 -1.86 -7.95
C PHE A 66 -13.37 -3.08 -7.53
N THR A 67 -14.06 -4.20 -7.48
CA THR A 67 -13.50 -5.48 -7.09
C THR A 67 -13.50 -6.38 -8.31
N VAL A 68 -12.38 -7.06 -8.57
CA VAL A 68 -12.32 -8.06 -9.63
C VAL A 68 -12.31 -9.43 -9.00
N ASN A 69 -13.33 -10.22 -9.33
CA ASN A 69 -13.52 -11.54 -8.71
C ASN A 69 -12.95 -12.57 -9.67
N TRP A 70 -11.66 -12.87 -9.51
CA TRP A 70 -10.95 -13.70 -10.47
C TRP A 70 -11.58 -15.08 -10.54
N LYS A 71 -11.75 -15.56 -11.77
CA LYS A 71 -12.42 -16.83 -12.01
C LYS A 71 -11.44 -17.94 -12.33
N PHE A 72 -10.13 -17.66 -12.26
CA PHE A 72 -9.07 -18.64 -12.48
C PHE A 72 -8.10 -18.68 -11.32
N SER A 73 -8.47 -18.09 -10.18
CA SER A 73 -7.59 -17.94 -9.03
C SER A 73 -8.49 -17.79 -7.80
N GLU A 74 -7.95 -18.16 -6.65
CA GLU A 74 -8.69 -17.96 -5.41
C GLU A 74 -8.51 -16.55 -4.85
N SER A 75 -7.76 -15.71 -5.54
CA SER A 75 -7.42 -14.36 -5.10
C SER A 75 -8.49 -13.34 -5.51
N THR A 76 -8.34 -12.13 -4.97
CA THR A 76 -9.23 -11.01 -5.27
C THR A 76 -8.38 -9.77 -5.43
N THR A 77 -8.74 -8.92 -6.39
CA THR A 77 -8.12 -7.60 -6.51
C THR A 77 -9.18 -6.53 -6.35
N VAL A 78 -8.82 -5.45 -5.65
CA VAL A 78 -9.64 -4.24 -5.62
C VAL A 78 -8.81 -3.11 -6.21
N PHE A 79 -9.48 -2.27 -6.99
CA PHE A 79 -8.87 -1.10 -7.61
C PHE A 79 -9.58 0.13 -7.06
N THR A 80 -8.85 1.20 -6.83
CA THR A 80 -9.51 2.47 -6.56
C THR A 80 -8.72 3.59 -7.20
N GLY A 81 -9.41 4.65 -7.59
CA GLY A 81 -8.73 5.72 -8.28
C GLY A 81 -9.68 6.83 -8.67
N GLN A 82 -9.22 7.64 -9.60
CA GLN A 82 -9.94 8.82 -10.03
C GLN A 82 -9.90 8.91 -11.55
N CYS A 83 -11.03 9.31 -12.11
CA CYS A 83 -11.20 9.50 -13.55
C CYS A 83 -10.78 10.93 -13.87
N PHE A 84 -9.65 11.10 -14.56
CA PHE A 84 -9.14 12.42 -14.88
C PHE A 84 -9.33 12.76 -16.34
N ILE A 85 -9.49 14.06 -16.61
CA ILE A 85 -9.38 14.59 -17.95
C ILE A 85 -7.96 15.12 -18.07
N ASP A 86 -7.12 14.37 -18.77
CA ASP A 86 -5.74 14.79 -19.02
C ASP A 86 -5.72 16.21 -19.60
N ARG A 87 -4.60 16.91 -19.39
CA ARG A 87 -4.51 18.28 -19.90
C ARG A 87 -4.62 18.30 -21.41
N ASN A 88 -4.30 17.18 -22.07
CA ASN A 88 -4.63 17.02 -23.49
C ASN A 88 -6.13 17.06 -23.70
N GLY A 89 -6.91 16.57 -22.73
CA GLY A 89 -8.34 16.41 -22.87
C GLY A 89 -8.80 14.97 -22.94
N LYS A 90 -7.89 14.00 -22.83
CA LYS A 90 -8.25 12.60 -22.87
C LYS A 90 -8.54 12.08 -21.46
N GLU A 91 -9.40 11.08 -21.38
CA GLU A 91 -9.72 10.47 -20.10
C GLU A 91 -8.63 9.48 -19.70
N VAL A 92 -8.20 9.56 -18.45
CA VAL A 92 -7.21 8.65 -17.90
C VAL A 92 -7.66 8.22 -16.52
N LEU A 93 -7.68 6.92 -16.28
CA LEU A 93 -7.94 6.37 -14.95
C LEU A 93 -6.61 6.17 -14.26
N LYS A 94 -6.39 6.87 -13.15
CA LYS A 94 -5.21 6.67 -12.32
C LYS A 94 -5.66 5.83 -11.14
N THR A 95 -5.18 4.58 -11.06
CA THR A 95 -5.66 3.68 -10.03
C THR A 95 -4.49 3.06 -9.26
N MET A 96 -4.82 2.66 -8.05
CA MET A 96 -3.97 1.78 -7.26
CA MET A 96 -3.98 1.80 -7.22
C MET A 96 -4.79 0.56 -6.86
N TRP A 97 -4.11 -0.57 -6.73
CA TRP A 97 -4.82 -1.81 -6.45
C TRP A 97 -4.18 -2.57 -5.29
N LEU A 98 -4.99 -3.42 -4.67
CA LEU A 98 -4.52 -4.43 -3.73
C LEU A 98 -4.92 -5.79 -4.26
N LEU A 99 -3.95 -6.70 -4.35
CA LEU A 99 -4.17 -8.08 -4.78
C LEU A 99 -4.02 -8.97 -3.55
N ARG A 100 -5.12 -9.59 -3.15
CA ARG A 100 -5.19 -10.42 -1.95
C ARG A 100 -5.06 -11.87 -2.37
N SER A 101 -3.96 -12.51 -1.97
CA SER A 101 -3.79 -13.95 -2.16
C SER A 101 -4.56 -14.72 -1.10
N SER A 102 -4.92 -15.96 -1.43
CA SER A 102 -5.48 -16.90 -0.48
C SER A 102 -4.33 -17.59 0.23
N VAL A 103 -4.31 -17.53 1.56
CA VAL A 103 -3.31 -18.27 2.32
C VAL A 103 -4.03 -19.31 3.17
N ASN A 104 -3.29 -20.34 3.56
CA ASN A 104 -3.92 -21.48 4.23
C ASN A 104 -4.33 -21.13 5.65
N ASP A 105 -3.51 -20.35 6.35
CA ASP A 105 -3.64 -20.16 7.79
C ASP A 105 -3.61 -18.68 8.12
N ILE A 106 -4.37 -18.31 9.16
CA ILE A 106 -4.41 -16.92 9.58
C ILE A 106 -3.03 -16.42 9.98
N GLY A 107 -2.12 -17.33 10.34
CA GLY A 107 -0.76 -16.94 10.67
C GLY A 107 0.05 -16.49 9.47
N ASP A 108 -0.38 -16.83 8.27
CA ASP A 108 0.27 -16.41 7.03
C ASP A 108 -0.31 -15.14 6.44
N ASP A 109 -1.22 -14.48 7.18
CA ASP A 109 -1.90 -13.30 6.64
C ASP A 109 -0.91 -12.22 6.21
N TRP A 110 0.23 -12.11 6.91
CA TRP A 110 1.13 -10.98 6.69
C TRP A 110 1.67 -10.94 5.26
N LYS A 111 1.78 -12.08 4.59
CA LYS A 111 2.37 -12.09 3.26
C LYS A 111 1.33 -12.13 2.14
N ALA A 112 0.08 -11.86 2.44
CA ALA A 112 -1.00 -12.16 1.49
C ALA A 112 -1.42 -10.98 0.61
N THR A 113 -0.88 -9.77 0.80
CA THR A 113 -1.42 -8.60 0.10
C THR A 113 -0.34 -7.89 -0.71
N ARG A 114 -0.53 -7.83 -2.02
CA ARG A 114 0.34 -7.07 -2.90
C ARG A 114 -0.33 -5.74 -3.26
N VAL A 115 0.50 -4.78 -3.64
CA VAL A 115 0.01 -3.44 -3.96
C VAL A 115 0.70 -2.97 -5.25
N GLY A 116 -0.03 -2.16 -6.02
CA GLY A 116 0.54 -1.64 -7.25
C GLY A 116 -0.34 -0.57 -7.85
N ILE A 117 0.04 -0.14 -9.05
CA ILE A 117 -0.61 0.94 -9.78
C ILE A 117 -1.11 0.41 -11.11
N ASN A 118 -2.12 1.07 -11.66
CA ASN A 118 -2.44 0.91 -13.08
C ASN A 118 -2.98 2.23 -13.61
N ILE A 119 -2.55 2.57 -14.82
CA ILE A 119 -3.09 3.70 -15.57
C ILE A 119 -3.92 3.13 -16.71
N PHE A 120 -5.19 3.53 -16.79
CA PHE A 120 -6.09 3.08 -17.85
C PHE A 120 -6.39 4.23 -18.81
N THR A 121 -6.47 3.91 -20.10
CA THR A 121 -6.99 4.81 -21.11
C THR A 121 -8.00 4.05 -21.96
N ARG A 122 -8.79 4.81 -22.72
CA ARG A 122 -9.88 4.19 -23.46
C ARG A 122 -9.35 3.33 -24.60
N LEU A 123 -10.00 2.19 -24.81
CA LEU A 123 -9.60 1.20 -25.80
C LEU A 123 -10.41 1.34 -27.08
N LYS B 3 25.27 -4.44 -15.31
CA LYS B 3 24.49 -4.41 -14.07
C LYS B 3 23.92 -3.02 -13.77
N CYS B 4 22.87 -2.99 -12.96
CA CYS B 4 22.24 -1.73 -12.56
C CYS B 4 22.83 -1.27 -11.24
N SER B 5 23.24 -0.01 -11.18
CA SER B 5 23.89 0.54 -9.99
C SER B 5 23.16 1.78 -9.51
N LEU B 6 23.07 1.93 -8.19
CA LEU B 6 22.28 3.02 -7.62
C LEU B 6 23.02 4.36 -7.59
N THR B 7 24.35 4.34 -7.57
CA THR B 7 25.11 5.58 -7.44
C THR B 7 24.87 6.48 -8.64
N GLY B 8 24.61 7.75 -8.37
CA GLY B 8 24.47 8.75 -9.41
C GLY B 8 23.27 9.64 -9.15
N LYS B 9 22.89 10.41 -10.17
CA LYS B 9 21.77 11.32 -10.09
C LYS B 9 20.60 10.76 -10.87
N TRP B 10 19.40 10.86 -10.29
CA TRP B 10 18.20 10.30 -10.86
C TRP B 10 17.09 11.34 -10.85
N THR B 11 16.12 11.13 -11.73
CA THR B 11 14.91 11.94 -11.78
C THR B 11 13.73 11.00 -11.94
N ASN B 12 12.59 11.37 -11.37
CA ASN B 12 11.43 10.48 -11.45
C ASN B 12 10.29 11.15 -12.21
N ASP B 13 9.17 10.41 -12.29
CA ASP B 13 8.04 10.80 -13.13
C ASP B 13 7.33 12.05 -12.63
N LEU B 14 7.55 12.45 -11.39
CA LEU B 14 7.01 13.69 -10.84
C LEU B 14 7.96 14.86 -11.03
N GLY B 15 9.14 14.63 -11.57
CA GLY B 15 10.14 15.67 -11.71
C GLY B 15 11.07 15.81 -10.53
N SER B 16 10.95 14.95 -9.52
CA SER B 16 11.86 15.00 -8.38
C SER B 16 13.22 14.48 -8.77
N ASN B 17 14.26 14.96 -8.07
CA ASN B 17 15.62 14.52 -8.30
C ASN B 17 16.19 13.95 -7.01
N MET B 18 17.08 12.98 -7.15
CA MET B 18 17.89 12.55 -6.02
C MET B 18 19.29 12.21 -6.50
N THR B 19 20.25 12.38 -5.60
CA THR B 19 21.62 11.95 -5.82
C THR B 19 21.93 10.89 -4.79
N ILE B 20 22.47 9.76 -5.24
CA ILE B 20 22.87 8.66 -4.38
C ILE B 20 24.39 8.54 -4.46
N GLY B 21 25.05 8.47 -3.30
CA GLY B 21 26.49 8.38 -3.23
C GLY B 21 27.00 6.98 -3.48
N ALA B 22 28.22 6.73 -3.03
CA ALA B 22 28.82 5.42 -3.20
C ALA B 22 28.07 4.39 -2.35
N VAL B 23 27.88 3.21 -2.93
CA VAL B 23 27.34 2.07 -2.19
C VAL B 23 28.51 1.23 -1.69
N ASN B 24 28.66 1.15 -0.36
CA ASN B 24 29.82 0.47 0.18
C ASN B 24 29.64 -1.05 0.09
N SER B 25 30.59 -1.79 0.65
CA SER B 25 30.57 -3.25 0.52
C SER B 25 29.40 -3.89 1.26
N ARG B 26 28.86 -3.22 2.28
CA ARG B 26 27.69 -3.73 3.00
C ARG B 26 26.38 -3.33 2.33
N GLY B 27 26.43 -2.65 1.19
CA GLY B 27 25.25 -2.18 0.51
C GLY B 27 24.69 -0.87 1.00
N GLU B 28 25.40 -0.19 1.90
CA GLU B 28 24.88 1.04 2.50
C GLU B 28 25.13 2.24 1.59
N PHE B 29 24.20 3.19 1.60
CA PHE B 29 24.39 4.41 0.85
C PHE B 29 23.62 5.55 1.49
N THR B 30 24.05 6.77 1.14
CA THR B 30 23.42 8.01 1.55
C THR B 30 23.22 8.85 0.30
N GLY B 31 22.40 9.89 0.44
CA GLY B 31 22.21 10.81 -0.66
C GLY B 31 21.34 11.96 -0.24
N THR B 32 20.90 12.71 -1.25
CA THR B 32 20.01 13.84 -1.05
C THR B 32 18.85 13.73 -2.03
N TYR B 33 17.72 14.27 -1.63
CA TYR B 33 16.48 14.16 -2.38
C TYR B 33 15.85 15.54 -2.50
N THR B 34 15.50 15.93 -3.72
CA THR B 34 14.79 17.18 -3.97
C THR B 34 13.47 16.83 -4.65
N THR B 35 12.40 16.81 -3.87
CA THR B 35 11.08 16.55 -4.43
C THR B 35 10.59 17.75 -5.23
N ALA B 36 9.92 17.47 -6.35
CA ALA B 36 9.23 18.49 -7.11
C ALA B 36 7.86 18.84 -6.56
N VAL B 37 7.32 18.02 -5.65
CA VAL B 37 5.95 18.14 -5.18
C VAL B 37 5.92 18.03 -3.67
N THR B 38 4.91 18.66 -3.06
CA THR B 38 4.73 18.58 -1.62
C THR B 38 3.26 18.79 -1.30
N ALA B 39 2.82 18.20 -0.19
CA ALA B 39 1.48 18.42 0.34
C ALA B 39 1.45 19.48 1.44
N THR B 40 2.60 20.01 1.82
CA THR B 40 2.67 21.09 2.80
C THR B 40 2.65 22.44 2.10
N SER B 41 2.44 23.49 2.89
CA SER B 41 2.59 24.86 2.41
C SER B 41 4.03 25.36 2.51
N ASN B 42 4.92 24.60 3.16
CA ASN B 42 6.28 25.05 3.38
C ASN B 42 7.11 24.95 2.10
N GLU B 43 8.13 25.80 2.01
CA GLU B 43 9.04 25.73 0.89
C GLU B 43 9.80 24.42 0.91
N ILE B 44 9.91 23.80 -0.26
CA ILE B 44 10.63 22.53 -0.36
C ILE B 44 12.11 22.77 -0.09
N LYS B 45 12.70 21.88 0.70
CA LYS B 45 14.14 21.90 0.96
C LYS B 45 14.74 20.56 0.62
N GLU B 46 15.96 20.59 0.08
CA GLU B 46 16.73 19.36 -0.14
C GLU B 46 16.80 18.56 1.15
N SER B 47 16.63 17.25 1.04
CA SER B 47 16.54 16.44 2.24
C SER B 47 17.44 15.21 2.10
N PRO B 48 18.05 14.77 3.20
CA PRO B 48 18.95 13.61 3.11
C PRO B 48 18.17 12.30 3.00
N LEU B 49 18.81 11.33 2.36
CA LEU B 49 18.26 9.99 2.29
C LEU B 49 19.32 8.99 2.75
N HIS B 50 18.87 7.87 3.30
CA HIS B 50 19.74 6.82 3.80
C HIS B 50 19.11 5.48 3.47
N GLY B 51 19.89 4.54 2.96
CA GLY B 51 19.32 3.28 2.59
C GLY B 51 20.35 2.20 2.36
N THR B 52 19.87 1.08 1.81
CA THR B 52 20.71 -0.08 1.58
C THR B 52 20.30 -0.73 0.28
N GLU B 53 21.26 -1.38 -0.36
CA GLU B 53 21.04 -2.19 -1.53
C GLU B 53 21.31 -3.63 -1.14
N ASN B 54 20.41 -4.54 -1.51
CA ASN B 54 20.56 -5.94 -1.16
C ASN B 54 21.73 -6.53 -1.94
N THR B 55 22.61 -7.26 -1.25
CA THR B 55 23.79 -7.82 -1.89
C THR B 55 23.75 -9.34 -1.97
N ILE B 56 22.66 -9.97 -1.55
CA ILE B 56 22.59 -11.42 -1.54
C ILE B 56 22.57 -11.93 -2.98
N ASN B 57 23.51 -12.83 -3.29
CA ASN B 57 23.74 -13.40 -4.62
C ASN B 57 24.21 -12.36 -5.63
N LYS B 58 24.59 -11.16 -5.18
CA LYS B 58 25.23 -10.15 -6.03
C LYS B 58 24.46 -9.95 -7.34
N ARG B 59 23.14 -9.83 -7.23
CA ARG B 59 22.29 -9.79 -8.41
C ARG B 59 22.57 -8.55 -9.25
N THR B 60 22.48 -8.72 -10.57
CA THR B 60 22.68 -7.62 -11.50
C THR B 60 21.57 -6.58 -11.41
N GLN B 61 20.40 -6.97 -10.92
CA GLN B 61 19.24 -6.08 -10.79
C GLN B 61 18.81 -6.10 -9.34
N PRO B 62 19.56 -5.45 -8.45
CA PRO B 62 19.34 -5.62 -7.02
C PRO B 62 18.12 -4.87 -6.50
N THR B 63 17.53 -5.43 -5.44
CA THR B 63 16.52 -4.76 -4.64
C THR B 63 17.18 -3.75 -3.71
N PHE B 64 16.44 -2.71 -3.33
CA PHE B 64 16.96 -1.68 -2.42
C PHE B 64 15.83 -1.00 -1.67
N GLY B 65 16.21 -0.24 -0.65
CA GLY B 65 15.28 0.64 0.04
C GLY B 65 16.02 1.84 0.60
N PHE B 66 15.28 2.93 0.78
CA PHE B 66 15.86 4.07 1.48
C PHE B 66 14.76 4.92 2.12
N THR B 67 15.18 5.72 3.10
CA THR B 67 14.32 6.62 3.84
C THR B 67 14.70 8.06 3.51
N VAL B 68 13.71 8.88 3.19
CA VAL B 68 13.92 10.31 3.00
C VAL B 68 13.41 11.03 4.24
N ASN B 69 14.32 11.76 4.89
CA ASN B 69 14.04 12.47 6.14
C ASN B 69 13.77 13.93 5.77
N TRP B 70 12.50 14.27 5.58
CA TRP B 70 12.15 15.58 5.05
C TRP B 70 12.50 16.67 6.06
N LYS B 71 13.14 17.73 5.58
CA LYS B 71 13.60 18.80 6.45
C LYS B 71 12.75 20.06 6.29
N PHE B 72 11.60 19.93 5.62
CA PHE B 72 10.58 20.97 5.57
C PHE B 72 9.23 20.45 6.00
N SER B 73 9.18 19.24 6.56
CA SER B 73 7.95 18.60 6.98
C SER B 73 8.25 17.65 8.11
N GLU B 74 7.23 17.37 8.92
CA GLU B 74 7.35 16.40 10.00
C GLU B 74 7.18 14.97 9.52
N SER B 75 6.94 14.78 8.22
CA SER B 75 6.66 13.48 7.64
C SER B 75 7.95 12.76 7.27
N THR B 76 7.80 11.49 6.89
CA THR B 76 8.90 10.64 6.45
C THR B 76 8.40 9.82 5.26
N THR B 77 9.26 9.64 4.25
CA THR B 77 8.95 8.72 3.15
C THR B 77 9.98 7.60 3.11
N VAL B 78 9.51 6.38 2.86
CA VAL B 78 10.39 5.27 2.54
C VAL B 78 10.09 4.82 1.11
N PHE B 79 11.14 4.51 0.37
CA PHE B 79 11.04 3.96 -0.98
C PHE B 79 11.64 2.57 -0.99
N THR B 80 11.06 1.66 -1.77
CA THR B 80 11.70 0.37 -2.00
C THR B 80 11.44 -0.05 -3.43
N GLY B 81 12.41 -0.73 -4.02
CA GLY B 81 12.23 -1.17 -5.39
C GLY B 81 13.41 -1.96 -5.88
N GLN B 82 13.54 -1.99 -7.20
CA GLN B 82 14.54 -2.81 -7.86
C GLN B 82 15.18 -1.99 -8.97
N CYS B 83 16.49 -2.13 -9.10
CA CYS B 83 17.30 -1.50 -10.12
C CYS B 83 17.28 -2.42 -11.34
N PHE B 84 16.52 -2.06 -12.36
CA PHE B 84 16.39 -2.88 -13.56
C PHE B 84 17.28 -2.38 -14.69
N ILE B 85 17.70 -3.32 -15.54
CA ILE B 85 18.15 -3.02 -16.89
C ILE B 85 16.97 -3.26 -17.80
N ASP B 86 16.40 -2.20 -18.36
CA ASP B 86 15.17 -2.30 -19.13
C ASP B 86 15.45 -2.94 -20.49
N ARG B 87 14.38 -3.21 -21.24
CA ARG B 87 14.54 -3.86 -22.54
C ARG B 87 15.44 -3.05 -23.47
N ASN B 88 15.46 -1.73 -23.31
CA ASN B 88 16.27 -0.87 -24.16
C ASN B 88 17.68 -0.65 -23.60
N GLY B 89 18.06 -1.38 -22.55
CA GLY B 89 19.38 -1.25 -21.98
C GLY B 89 19.55 -0.12 -20.98
N LYS B 90 18.52 0.68 -20.73
CA LYS B 90 18.62 1.80 -19.81
C LYS B 90 18.32 1.35 -18.39
N GLU B 91 19.12 1.83 -17.45
CA GLU B 91 18.88 1.58 -16.03
C GLU B 91 17.62 2.30 -15.59
N VAL B 92 16.74 1.58 -14.89
CA VAL B 92 15.51 2.17 -14.38
C VAL B 92 15.26 1.65 -12.98
N LEU B 93 14.96 2.57 -12.06
CA LEU B 93 14.50 2.20 -10.72
C LEU B 93 12.99 2.16 -10.71
N LYS B 94 12.41 0.98 -10.47
CA LYS B 94 10.98 0.82 -10.27
C LYS B 94 10.76 0.78 -8.76
N THR B 95 10.03 1.77 -8.23
CA THR B 95 9.89 1.89 -6.79
C THR B 95 8.44 2.08 -6.39
N MET B 96 8.16 1.70 -5.15
CA MET B 96 6.95 2.12 -4.47
CA MET B 96 6.95 2.04 -4.43
C MET B 96 7.34 2.78 -3.16
N TRP B 97 6.44 3.61 -2.65
CA TRP B 97 6.78 4.37 -1.46
C TRP B 97 5.59 4.42 -0.51
N LEU B 98 5.92 4.65 0.76
CA LEU B 98 4.96 4.99 1.80
C LEU B 98 5.35 6.36 2.36
N LEU B 99 4.39 7.27 2.41
CA LEU B 99 4.61 8.61 2.95
C LEU B 99 3.85 8.68 4.27
N ARG B 100 4.60 8.77 5.36
CA ARG B 100 4.03 8.76 6.71
C ARG B 100 3.87 10.20 7.21
N SER B 101 2.62 10.60 7.43
CA SER B 101 2.35 11.90 8.02
C SER B 101 2.44 11.85 9.54
N SER B 102 2.71 12.99 10.14
CA SER B 102 2.65 13.13 11.58
C SER B 102 1.21 13.44 12.00
N VAL B 103 0.67 12.62 12.90
CA VAL B 103 -0.62 12.90 13.51
C VAL B 103 -0.42 13.12 15.00
N ASN B 104 -1.32 13.90 15.61
CA ASN B 104 -1.16 14.31 17.00
C ASN B 104 -1.58 13.23 17.99
N ASP B 105 -2.38 12.27 17.55
CA ASP B 105 -3.00 11.30 18.44
C ASP B 105 -2.88 9.92 17.80
N ILE B 106 -2.55 8.91 18.61
CA ILE B 106 -2.49 7.54 18.12
C ILE B 106 -3.83 7.08 17.57
N GLY B 107 -4.93 7.70 18.02
CA GLY B 107 -6.24 7.37 17.49
C GLY B 107 -6.43 7.78 16.04
N ASP B 108 -5.61 8.71 15.54
CA ASP B 108 -5.66 9.15 14.17
C ASP B 108 -4.65 8.44 13.28
N ASP B 109 -4.02 7.38 13.78
CA ASP B 109 -2.98 6.68 13.03
C ASP B 109 -3.50 6.17 11.70
N TRP B 110 -4.78 5.80 11.63
CA TRP B 110 -5.33 5.16 10.44
C TRP B 110 -5.20 6.03 9.19
N LYS B 111 -5.18 7.35 9.34
CA LYS B 111 -5.17 8.22 8.17
C LYS B 111 -3.78 8.73 7.81
N ALA B 112 -2.73 8.18 8.40
CA ALA B 112 -1.40 8.79 8.34
C ALA B 112 -0.49 8.25 7.26
N THR B 113 -0.88 7.22 6.50
CA THR B 113 0.06 6.61 5.57
C THR B 113 -0.48 6.65 4.14
N ARG B 114 0.24 7.35 3.27
CA ARG B 114 -0.04 7.37 1.85
C ARG B 114 0.91 6.41 1.13
N VAL B 115 0.49 5.94 -0.03
CA VAL B 115 1.26 4.98 -0.81
C VAL B 115 1.25 5.40 -2.27
N GLY B 116 2.34 5.09 -2.97
CA GLY B 116 2.39 5.41 -4.38
C GLY B 116 3.59 4.79 -5.06
N ILE B 117 3.82 5.20 -6.29
CA ILE B 117 4.88 4.68 -7.15
C ILE B 117 5.80 5.81 -7.58
N ASN B 118 7.01 5.44 -7.96
CA ASN B 118 7.88 6.34 -8.72
C ASN B 118 8.78 5.50 -9.61
N ILE B 119 8.99 5.98 -10.83
CA ILE B 119 9.96 5.42 -11.76
C ILE B 119 11.09 6.43 -11.90
N PHE B 120 12.33 5.97 -11.70
CA PHE B 120 13.51 6.83 -11.80
C PHE B 120 14.36 6.44 -13.02
N THR B 121 14.91 7.42 -13.69
CA THR B 121 15.95 7.21 -14.69
C THR B 121 17.08 8.19 -14.42
N ARG B 122 18.25 7.88 -14.96
CA ARG B 122 19.43 8.69 -14.69
C ARG B 122 19.28 10.10 -15.25
N LEU B 123 19.64 11.09 -14.43
CA LEU B 123 19.62 12.48 -14.82
C LEU B 123 21.00 12.91 -15.30
N LYS C 3 9.29 11.53 26.13
CA LYS C 3 9.27 11.46 24.67
C LYS C 3 9.49 10.04 24.15
N CYS C 4 8.90 9.75 23.00
CA CYS C 4 9.05 8.45 22.37
C CYS C 4 10.38 8.41 21.62
N SER C 5 11.22 7.42 21.95
CA SER C 5 12.51 7.26 21.31
C SER C 5 12.62 5.87 20.68
N LEU C 6 13.29 5.82 19.53
CA LEU C 6 13.43 4.55 18.81
C LEU C 6 14.51 3.65 19.40
N THR C 7 15.47 4.21 20.13
CA THR C 7 16.54 3.41 20.70
C THR C 7 16.00 2.39 21.68
N GLY C 8 16.48 1.15 21.58
CA GLY C 8 16.10 0.09 22.47
C GLY C 8 15.73 -1.15 21.70
N LYS C 9 15.15 -2.10 22.42
CA LYS C 9 14.72 -3.38 21.86
C LYS C 9 13.21 -3.39 21.74
N TRP C 10 12.72 -3.90 20.61
CA TRP C 10 11.30 -3.92 20.33
C TRP C 10 10.89 -5.29 19.84
N THR C 11 9.61 -5.59 19.98
CA THR C 11 9.02 -6.79 19.41
C THR C 11 7.70 -6.40 18.77
N ASN C 12 7.30 -7.13 17.73
CA ASN C 12 6.08 -6.77 17.02
C ASN C 12 5.07 -7.90 17.08
N ASP C 13 3.90 -7.63 16.48
CA ASP C 13 2.75 -8.51 16.56
C ASP C 13 2.98 -9.86 15.89
N LEU C 14 3.97 -9.97 15.02
CA LEU C 14 4.32 -11.25 14.42
C LEU C 14 5.36 -12.02 15.24
N GLY C 15 5.86 -11.45 16.33
CA GLY C 15 6.91 -12.07 17.11
C GLY C 15 8.32 -11.68 16.71
N SER C 16 8.48 -10.85 15.68
CA SER C 16 9.81 -10.41 15.28
C SER C 16 10.40 -9.44 16.30
N ASN C 17 11.73 -9.42 16.38
CA ASN C 17 12.46 -8.54 17.29
C ASN C 17 13.36 -7.60 16.51
N MET C 18 13.53 -6.39 17.02
CA MET C 18 14.53 -5.51 16.47
C MET C 18 15.16 -4.69 17.58
N THR C 19 16.44 -4.38 17.39
CA THR C 19 17.20 -3.54 18.30
C THR C 19 17.69 -2.34 17.51
N ILE C 20 17.52 -1.15 18.07
CA ILE C 20 17.96 0.09 17.44
C ILE C 20 18.91 0.76 18.41
N GLY C 21 20.05 1.20 17.90
CA GLY C 21 21.03 1.90 18.71
C GLY C 21 20.69 3.36 18.89
N ALA C 22 21.73 4.13 19.21
CA ALA C 22 21.55 5.55 19.46
C ALA C 22 21.10 6.29 18.21
N VAL C 23 20.23 7.28 18.40
CA VAL C 23 19.83 8.19 17.34
C VAL C 23 20.66 9.46 17.49
N ASN C 24 21.38 9.83 16.43
CA ASN C 24 22.27 10.98 16.53
C ASN C 24 21.49 12.27 16.30
N SER C 25 22.20 13.41 16.30
CA SER C 25 21.55 14.70 16.21
C SER C 25 20.85 14.90 14.88
N ARG C 26 21.27 14.19 13.84
CA ARG C 26 20.59 14.25 12.54
C ARG C 26 19.44 13.27 12.44
N GLY C 27 19.11 12.57 13.51
CA GLY C 27 18.03 11.60 13.52
C GLY C 27 18.38 10.25 12.93
N GLU C 28 19.66 10.02 12.62
CA GLU C 28 20.06 8.78 11.97
C GLU C 28 20.23 7.66 12.99
N PHE C 29 19.86 6.44 12.60
CA PHE C 29 20.06 5.30 13.47
C PHE C 29 20.31 4.06 12.64
N THR C 30 20.89 3.06 13.29
CA THR C 30 21.03 1.74 12.72
C THR C 30 20.63 0.72 13.79
N GLY C 31 20.53 -0.53 13.37
CA GLY C 31 20.08 -1.57 14.27
C GLY C 31 20.14 -2.91 13.58
N THR C 32 19.48 -3.89 14.20
CA THR C 32 19.36 -5.22 13.62
C THR C 32 17.93 -5.71 13.80
N TYR C 33 17.54 -6.63 12.93
CA TYR C 33 16.17 -7.10 12.83
C TYR C 33 16.17 -8.61 12.75
N THR C 34 15.41 -9.26 13.62
CA THR C 34 15.23 -10.72 13.55
C THR C 34 13.76 -10.98 13.27
N THR C 35 13.43 -11.32 12.03
CA THR C 35 12.05 -11.63 11.71
C THR C 35 11.68 -13.01 12.24
N ALA C 36 10.44 -13.12 12.72
CA ALA C 36 9.91 -14.41 13.14
C ALA C 36 9.31 -15.18 11.99
N VAL C 37 9.04 -14.53 10.86
CA VAL C 37 8.39 -15.14 9.72
C VAL C 37 9.18 -14.83 8.47
N THR C 38 9.08 -15.72 7.48
CA THR C 38 9.69 -15.49 6.19
C THR C 38 8.87 -16.23 5.15
N ALA C 39 8.91 -15.72 3.92
CA ALA C 39 8.34 -16.42 2.77
C ALA C 39 9.40 -17.19 1.98
N THR C 40 10.66 -17.08 2.36
CA THR C 40 11.72 -17.86 1.75
C THR C 40 11.77 -19.25 2.38
N SER C 41 12.54 -20.14 1.75
CA SER C 41 12.86 -21.43 2.33
C SER C 41 14.27 -21.45 2.92
N ASN C 42 14.85 -20.28 3.16
CA ASN C 42 16.15 -20.15 3.80
C ASN C 42 15.97 -19.92 5.29
N GLU C 43 16.98 -20.33 6.06
CA GLU C 43 16.95 -20.05 7.49
C GLU C 43 17.06 -18.55 7.73
N ILE C 44 16.24 -18.05 8.64
CA ILE C 44 16.24 -16.63 8.98
C ILE C 44 17.58 -16.26 9.62
N LYS C 45 18.13 -15.12 9.21
CA LYS C 45 19.34 -14.59 9.79
C LYS C 45 19.10 -13.15 10.23
N GLU C 46 19.64 -12.82 11.40
CA GLU C 46 19.62 -11.43 11.86
C GLU C 46 20.16 -10.53 10.75
N SER C 47 19.51 -9.39 10.55
CA SER C 47 19.80 -8.55 9.40
C SER C 47 19.88 -7.10 9.83
N PRO C 48 20.72 -6.30 9.17
CA PRO C 48 20.88 -4.91 9.58
C PRO C 48 19.71 -4.05 9.14
N LEU C 49 19.49 -2.98 9.87
CA LEU C 49 18.53 -1.97 9.48
C LEU C 49 19.17 -0.60 9.61
N HIS C 50 18.72 0.34 8.77
CA HIS C 50 19.25 1.69 8.71
C HIS C 50 18.09 2.64 8.47
N GLY C 51 18.01 3.71 9.26
CA GLY C 51 16.90 4.62 9.08
C GLY C 51 17.13 5.97 9.70
N THR C 52 16.06 6.76 9.74
CA THR C 52 16.10 8.09 10.30
C THR C 52 14.78 8.36 11.01
N GLU C 53 14.83 9.15 12.07
CA GLU C 53 13.62 9.71 12.63
C GLU C 53 13.59 11.20 12.33
N ASN C 54 12.38 11.71 12.14
CA ASN C 54 12.22 13.08 11.69
C ASN C 54 12.49 14.04 12.86
N THR C 55 13.31 15.06 12.60
CA THR C 55 13.77 15.97 13.64
C THR C 55 13.06 17.31 13.61
N ILE C 56 12.18 17.54 12.63
CA ILE C 56 11.52 18.83 12.50
C ILE C 56 10.56 19.03 13.67
N ASN C 57 10.73 20.15 14.38
CA ASN C 57 9.95 20.55 15.55
C ASN C 57 10.17 19.64 16.76
N LYS C 58 11.16 18.74 16.71
CA LYS C 58 11.53 17.90 17.85
C LYS C 58 10.30 17.30 18.52
N ARG C 59 9.44 16.70 17.70
CA ARG C 59 8.14 16.27 18.19
C ARG C 59 8.28 15.13 19.20
N THR C 60 7.36 15.12 20.17
CA THR C 60 7.32 14.06 21.17
C THR C 60 7.06 12.70 20.54
N GLN C 61 6.31 12.69 19.44
CA GLN C 61 5.91 11.46 18.75
C GLN C 61 6.38 11.54 17.30
N PRO C 62 7.68 11.36 17.07
CA PRO C 62 8.23 11.63 15.73
C PRO C 62 7.91 10.52 14.74
N THR C 63 7.88 10.91 13.46
CA THR C 63 7.82 9.90 12.41
C THR C 63 9.22 9.39 12.10
N PHE C 64 9.29 8.24 11.45
CA PHE C 64 10.56 7.61 11.17
C PHE C 64 10.39 6.67 9.99
N GLY C 65 11.52 6.25 9.42
CA GLY C 65 11.52 5.18 8.45
C GLY C 65 12.82 4.41 8.57
N PHE C 66 12.78 3.16 8.15
CA PHE C 66 14.03 2.42 8.07
C PHE C 66 13.91 1.30 7.05
N THR C 67 15.07 0.88 6.57
CA THR C 67 15.21 -0.20 5.61
C THR C 67 15.85 -1.40 6.31
N VAL C 68 15.27 -2.58 6.11
CA VAL C 68 15.87 -3.82 6.57
C VAL C 68 16.50 -4.51 5.37
N ASN C 69 17.80 -4.78 5.45
CA ASN C 69 18.56 -5.36 4.34
C ASN C 69 18.73 -6.84 4.66
N TRP C 70 17.77 -7.65 4.20
CA TRP C 70 17.75 -9.05 4.57
C TRP C 70 19.01 -9.77 4.10
N LYS C 71 19.61 -10.53 5.01
CA LYS C 71 20.84 -11.26 4.76
C LYS C 71 20.61 -12.70 4.37
N PHE C 72 19.34 -13.11 4.22
CA PHE C 72 19.00 -14.48 3.84
C PHE C 72 18.02 -14.50 2.67
N SER C 73 17.80 -13.35 2.04
CA SER C 73 16.84 -13.19 0.97
C SER C 73 17.36 -12.11 0.04
N GLU C 74 16.96 -12.17 -1.22
CA GLU C 74 17.28 -11.09 -2.15
C GLU C 74 16.33 -9.90 -2.02
N SER C 75 15.36 -9.98 -1.10
CA SER C 75 14.34 -8.96 -0.94
C SER C 75 14.80 -7.85 0.02
N THR C 76 14.00 -6.78 0.08
CA THR C 76 14.23 -5.66 0.98
C THR C 76 12.89 -5.26 1.56
N THR C 77 12.86 -4.88 2.83
CA THR C 77 11.64 -4.30 3.43
C THR C 77 11.94 -2.91 3.95
N VAL C 78 11.01 -1.99 3.70
CA VAL C 78 11.08 -0.66 4.31
C VAL C 78 9.90 -0.55 5.27
N PHE C 79 10.14 0.08 6.41
CA PHE C 79 9.12 0.36 7.41
C PHE C 79 9.03 1.87 7.60
N THR C 80 7.81 2.38 7.76
CA THR C 80 7.66 3.76 8.17
C THR C 80 6.50 3.87 9.14
N GLY C 81 6.60 4.83 10.05
CA GLY C 81 5.55 4.98 11.04
C GLY C 81 5.85 6.10 12.00
N GLN C 82 5.18 6.03 13.14
CA GLN C 82 5.27 7.06 14.16
C GLN C 82 5.45 6.41 15.52
N CYS C 83 6.30 7.04 16.32
CA CYS C 83 6.60 6.63 17.69
C CYS C 83 5.55 7.29 18.59
N PHE C 84 4.59 6.52 19.08
CA PHE C 84 3.51 7.09 19.90
C PHE C 84 3.73 6.82 21.37
N ILE C 85 3.23 7.75 22.19
CA ILE C 85 2.96 7.45 23.60
C ILE C 85 1.46 7.11 23.65
N ASP C 86 1.15 5.84 23.85
CA ASP C 86 -0.24 5.41 23.72
C ASP C 86 -1.02 5.84 24.96
N ARG C 87 -2.28 5.43 25.05
CA ARG C 87 -3.12 5.95 26.13
C ARG C 87 -2.80 5.31 27.48
N ASN C 88 -1.92 4.31 27.52
CA ASN C 88 -1.40 3.78 28.76
C ASN C 88 -0.04 4.35 29.10
N GLY C 89 0.41 5.38 28.38
CA GLY C 89 1.71 5.96 28.62
C GLY C 89 2.88 5.10 28.16
N LYS C 90 2.61 4.10 27.33
CA LYS C 90 3.62 3.19 26.82
C LYS C 90 4.04 3.61 25.41
N GLU C 91 5.30 3.37 25.09
CA GLU C 91 5.82 3.67 23.76
C GLU C 91 5.38 2.59 22.78
N VAL C 92 4.81 2.99 21.65
CA VAL C 92 4.33 2.07 20.62
C VAL C 92 4.79 2.61 19.28
N LEU C 93 5.36 1.73 18.46
CA LEU C 93 5.65 2.05 17.06
C LEU C 93 4.50 1.50 16.22
N LYS C 94 3.74 2.40 15.60
CA LYS C 94 2.73 2.02 14.63
C LYS C 94 3.37 2.17 13.27
N THR C 95 3.59 1.06 12.57
CA THR C 95 4.31 1.08 11.30
C THR C 95 3.51 0.40 10.20
N MET C 96 3.81 0.80 8.98
CA MET C 96 3.43 0.06 7.79
CA MET C 96 3.41 0.11 7.77
C MET C 96 4.68 -0.23 6.99
N TRP C 97 4.64 -1.31 6.22
CA TRP C 97 5.84 -1.71 5.51
C TRP C 97 5.54 -2.06 4.06
N LEU C 98 6.60 -1.99 3.26
CA LEU C 98 6.62 -2.54 1.90
C LEU C 98 7.73 -3.57 1.82
N LEU C 99 7.39 -4.78 1.37
CA LEU C 99 8.33 -5.87 1.18
C LEU C 99 8.53 -6.04 -0.32
N ARG C 100 9.75 -5.78 -0.80
CA ARG C 100 10.07 -5.78 -2.22
C ARG C 100 10.77 -7.09 -2.56
N SER C 101 10.12 -7.92 -3.38
CA SER C 101 10.74 -9.13 -3.88
C SER C 101 11.67 -8.83 -5.04
N SER C 102 12.69 -9.66 -5.21
CA SER C 102 13.52 -9.63 -6.41
C SER C 102 12.82 -10.44 -7.50
N VAL C 103 12.55 -9.80 -8.63
CA VAL C 103 12.00 -10.52 -9.77
C VAL C 103 13.04 -10.54 -10.88
N ASN C 104 12.91 -11.55 -11.76
CA ASN C 104 13.93 -11.77 -12.77
C ASN C 104 13.89 -10.73 -13.86
N ASP C 105 12.72 -10.19 -14.15
CA ASP C 105 12.50 -9.38 -15.34
C ASP C 105 11.61 -8.20 -15.00
N ILE C 106 11.86 -7.07 -15.68
CA ILE C 106 11.09 -5.87 -15.42
C ILE C 106 9.61 -6.09 -15.73
N GLY C 107 9.29 -7.04 -16.60
CA GLY C 107 7.90 -7.36 -16.86
C GLY C 107 7.18 -7.98 -15.67
N ASP C 108 7.92 -8.53 -14.72
CA ASP C 108 7.33 -9.09 -13.50
C ASP C 108 7.22 -8.07 -12.37
N ASP C 109 7.57 -6.81 -12.64
CA ASP C 109 7.65 -5.82 -11.57
C ASP C 109 6.33 -5.65 -10.84
N TRP C 110 5.21 -5.82 -11.56
CA TRP C 110 3.89 -5.52 -11.00
C TRP C 110 3.59 -6.36 -9.78
N LYS C 111 4.16 -7.56 -9.66
CA LYS C 111 3.80 -8.46 -8.57
C LYS C 111 4.86 -8.52 -7.48
N ALA C 112 5.79 -7.58 -7.45
CA ALA C 112 6.96 -7.68 -6.60
C ALA C 112 6.83 -6.97 -5.25
N THR C 113 5.71 -6.30 -4.96
CA THR C 113 5.64 -5.48 -3.74
C THR C 113 4.47 -5.90 -2.87
N ARG C 114 4.78 -6.36 -1.66
CA ARG C 114 3.76 -6.63 -0.66
C ARG C 114 3.72 -5.51 0.37
N VAL C 115 2.56 -5.34 1.01
CA VAL C 115 2.34 -4.25 1.96
C VAL C 115 1.70 -4.86 3.20
N GLY C 116 1.99 -4.25 4.35
CA GLY C 116 1.39 -4.72 5.59
C GLY C 116 1.67 -3.77 6.73
N ILE C 117 1.27 -4.19 7.92
CA ILE C 117 1.38 -3.40 9.14
C ILE C 117 2.26 -4.15 10.13
N ASN C 118 2.85 -3.40 11.04
CA ASN C 118 3.39 -3.98 12.27
C ASN C 118 3.24 -2.98 13.40
N ILE C 119 2.86 -3.48 14.57
CA ILE C 119 2.87 -2.72 15.81
C ILE C 119 4.02 -3.23 16.67
N PHE C 120 4.88 -2.33 17.12
CA PHE C 120 6.01 -2.70 17.97
C PHE C 120 5.84 -2.13 19.38
N THR C 121 6.15 -2.94 20.37
CA THR C 121 6.25 -2.49 21.75
C THR C 121 7.62 -2.87 22.29
N ARG C 122 7.99 -2.25 23.41
CA ARG C 122 9.32 -2.46 23.97
C ARG C 122 9.45 -3.86 24.55
N LEU C 123 10.63 -4.46 24.39
CA LEU C 123 10.89 -5.79 24.92
C LEU C 123 11.88 -5.73 26.07
N LYS D 3 -17.37 -23.13 7.57
CA LYS D 3 -17.18 -22.09 6.56
C LYS D 3 -17.23 -20.69 7.15
N CYS D 4 -16.35 -19.81 6.68
CA CYS D 4 -16.38 -18.40 7.05
C CYS D 4 -17.26 -17.67 6.04
N SER D 5 -18.29 -16.97 6.54
CA SER D 5 -19.26 -16.31 5.69
C SER D 5 -19.25 -14.81 5.94
N LEU D 6 -19.34 -14.03 4.86
CA LEU D 6 -19.33 -12.57 4.97
C LEU D 6 -20.67 -12.01 5.43
N THR D 7 -21.77 -12.73 5.23
CA THR D 7 -23.08 -12.23 5.63
C THR D 7 -23.14 -12.00 7.12
N GLY D 8 -23.79 -10.90 7.53
CA GLY D 8 -23.98 -10.59 8.92
C GLY D 8 -23.44 -9.24 9.28
N LYS D 9 -23.41 -8.96 10.59
CA LYS D 9 -22.94 -7.69 11.11
C LYS D 9 -21.52 -7.83 11.63
N TRP D 10 -20.70 -6.81 11.38
CA TRP D 10 -19.31 -6.84 11.77
C TRP D 10 -18.92 -5.50 12.38
N THR D 11 -17.84 -5.54 13.17
CA THR D 11 -17.23 -4.35 13.73
C THR D 11 -15.72 -4.48 13.60
N ASN D 12 -15.03 -3.37 13.42
CA ASN D 12 -13.59 -3.46 13.23
C ASN D 12 -12.87 -2.74 14.37
N ASP D 13 -11.53 -2.74 14.28
CA ASP D 13 -10.68 -2.25 15.35
C ASP D 13 -10.80 -0.75 15.59
N LEU D 14 -11.34 -0.01 14.63
CA LEU D 14 -11.56 1.42 14.78
C LEU D 14 -12.93 1.74 15.35
N GLY D 15 -13.77 0.73 15.55
CA GLY D 15 -15.14 0.96 16.02
C GLY D 15 -16.16 1.06 14.91
N SER D 16 -15.75 0.97 13.65
CA SER D 16 -16.69 1.04 12.55
C SER D 16 -17.51 -0.24 12.48
N ASN D 17 -18.73 -0.11 11.96
CA ASN D 17 -19.60 -1.25 11.75
C ASN D 17 -19.93 -1.39 10.28
N MET D 18 -20.24 -2.61 9.87
CA MET D 18 -20.82 -2.84 8.56
C MET D 18 -21.75 -4.05 8.65
N THR D 19 -22.73 -4.06 7.76
CA THR D 19 -23.63 -5.20 7.64
C THR D 19 -23.60 -5.65 6.19
N ILE D 20 -23.47 -6.95 5.97
CA ILE D 20 -23.41 -7.53 4.63
C ILE D 20 -24.57 -8.50 4.47
N GLY D 21 -25.29 -8.37 3.36
CA GLY D 21 -26.43 -9.20 3.08
C GLY D 21 -26.02 -10.57 2.57
N ALA D 22 -26.98 -11.26 1.96
CA ALA D 22 -26.70 -12.60 1.44
C ALA D 22 -25.69 -12.53 0.30
N VAL D 23 -24.80 -13.51 0.27
CA VAL D 23 -23.87 -13.71 -0.84
C VAL D 23 -24.54 -14.66 -1.82
N ASN D 24 -24.65 -14.27 -3.09
CA ASN D 24 -25.31 -15.14 -4.06
C ASN D 24 -24.32 -16.16 -4.63
N SER D 25 -24.82 -17.01 -5.52
CA SER D 25 -24.00 -18.11 -6.04
C SER D 25 -22.78 -17.60 -6.81
N ARG D 26 -22.86 -16.41 -7.40
CA ARG D 26 -21.69 -15.82 -8.06
C ARG D 26 -20.77 -15.10 -7.08
N GLY D 27 -21.10 -15.10 -5.79
CA GLY D 27 -20.29 -14.45 -4.79
C GLY D 27 -20.57 -12.98 -4.58
N GLU D 28 -21.63 -12.44 -5.17
CA GLU D 28 -21.93 -11.01 -5.08
C GLU D 28 -22.66 -10.68 -3.78
N PHE D 29 -22.37 -9.50 -3.25
CA PHE D 29 -23.03 -9.08 -2.02
C PHE D 29 -23.09 -7.57 -1.95
N THR D 30 -24.03 -7.07 -1.17
CA THR D 30 -24.16 -5.67 -0.86
C THR D 30 -24.27 -5.50 0.64
N GLY D 31 -24.19 -4.27 1.09
CA GLY D 31 -24.34 -4.00 2.50
C GLY D 31 -24.26 -2.52 2.77
N THR D 32 -24.12 -2.18 4.04
CA THR D 32 -23.93 -0.80 4.45
C THR D 32 -22.76 -0.72 5.40
N TYR D 33 -22.14 0.45 5.45
CA TYR D 33 -20.92 0.67 6.21
C TYR D 33 -21.10 1.95 7.01
N THR D 34 -20.87 1.86 8.32
CA THR D 34 -20.86 3.04 9.19
C THR D 34 -19.46 3.17 9.78
N THR D 35 -18.69 4.12 9.27
CA THR D 35 -17.36 4.33 9.82
C THR D 35 -17.46 5.12 11.12
N ALA D 36 -16.62 4.75 12.08
CA ALA D 36 -16.50 5.47 13.34
C ALA D 36 -15.54 6.64 13.25
N VAL D 37 -14.75 6.74 12.18
CA VAL D 37 -13.75 7.78 12.03
C VAL D 37 -13.87 8.39 10.64
N THR D 38 -13.43 9.63 10.53
CA THR D 38 -13.41 10.31 9.24
C THR D 38 -12.33 11.38 9.26
N ALA D 39 -11.80 11.67 8.08
CA ALA D 39 -10.87 12.78 7.89
C ALA D 39 -11.56 14.03 7.37
N THR D 40 -12.84 13.95 7.04
CA THR D 40 -13.59 15.12 6.59
C THR D 40 -14.10 15.90 7.79
N SER D 41 -14.51 17.13 7.53
CA SER D 41 -15.21 17.93 8.52
C SER D 41 -16.71 17.68 8.50
N ASN D 42 -17.18 16.77 7.64
CA ASN D 42 -18.61 16.53 7.48
C ASN D 42 -19.11 15.49 8.47
N GLU D 43 -20.42 15.42 8.60
CA GLU D 43 -21.06 14.48 9.50
C GLU D 43 -21.12 13.09 8.85
N ILE D 44 -20.65 12.08 9.59
CA ILE D 44 -20.60 10.73 9.05
C ILE D 44 -22.00 10.23 8.72
N LYS D 45 -22.17 9.69 7.52
CA LYS D 45 -23.42 9.08 7.11
C LYS D 45 -23.18 7.64 6.67
N GLU D 46 -24.11 6.77 7.04
CA GLU D 46 -24.11 5.39 6.56
C GLU D 46 -23.97 5.35 5.05
N SER D 47 -23.14 4.45 4.55
CA SER D 47 -22.79 4.41 3.14
C SER D 47 -22.90 2.99 2.60
N PRO D 48 -23.30 2.82 1.34
CA PRO D 48 -23.43 1.48 0.78
C PRO D 48 -22.10 0.87 0.40
N LEU D 49 -22.06 -0.46 0.43
CA LEU D 49 -20.89 -1.20 -0.02
C LEU D 49 -21.34 -2.27 -1.01
N HIS D 50 -20.47 -2.56 -1.98
CA HIS D 50 -20.73 -3.58 -2.99
C HIS D 50 -19.45 -4.36 -3.21
N GLY D 51 -19.58 -5.68 -3.27
CA GLY D 51 -18.37 -6.47 -3.41
C GLY D 51 -18.67 -7.90 -3.81
N THR D 52 -17.62 -8.71 -3.79
CA THR D 52 -17.70 -10.12 -4.14
C THR D 52 -16.80 -10.91 -3.22
N GLU D 53 -17.19 -12.15 -2.96
CA GLU D 53 -16.30 -13.12 -2.35
C GLU D 53 -15.90 -14.15 -3.40
N ASN D 54 -14.65 -14.56 -3.38
CA ASN D 54 -14.14 -15.50 -4.37
C ASN D 54 -14.76 -16.86 -4.12
N THR D 55 -15.21 -17.51 -5.20
CA THR D 55 -15.88 -18.80 -5.10
C THR D 55 -15.05 -19.95 -5.65
N ILE D 56 -13.86 -19.68 -6.18
CA ILE D 56 -13.06 -20.73 -6.81
C ILE D 56 -12.64 -21.74 -5.76
N ASN D 57 -12.99 -23.00 -5.99
CA ASN D 57 -12.73 -24.13 -5.10
C ASN D 57 -13.50 -24.04 -3.78
N LYS D 58 -14.45 -23.12 -3.67
CA LYS D 58 -15.39 -23.04 -2.55
C LYS D 58 -14.68 -23.12 -1.19
N ARG D 59 -13.64 -22.30 -1.05
CA ARG D 59 -12.80 -22.37 0.15
C ARG D 59 -13.60 -22.01 1.40
N THR D 60 -13.26 -22.69 2.51
CA THR D 60 -13.86 -22.34 3.79
C THR D 60 -13.40 -20.99 4.29
N GLN D 61 -12.26 -20.50 3.79
CA GLN D 61 -11.71 -19.21 4.19
C GLN D 61 -11.50 -18.36 2.93
N PRO D 62 -12.57 -17.85 2.33
CA PRO D 62 -12.45 -17.23 1.00
C PRO D 62 -11.91 -15.81 1.09
N THR D 63 -11.27 -15.39 -0.01
CA THR D 63 -10.92 -13.99 -0.17
C THR D 63 -12.12 -13.21 -0.68
N PHE D 64 -12.05 -11.88 -0.53
CA PHE D 64 -13.16 -11.02 -0.93
C PHE D 64 -12.63 -9.61 -1.15
N GLY D 65 -13.49 -8.78 -1.74
CA GLY D 65 -13.23 -7.36 -1.83
C GLY D 65 -14.55 -6.63 -1.87
N PHE D 66 -14.54 -5.37 -1.43
CA PHE D 66 -15.72 -4.54 -1.60
C PHE D 66 -15.33 -3.07 -1.63
N THR D 67 -16.22 -2.28 -2.22
CA THR D 67 -16.04 -0.85 -2.34
C THR D 67 -17.06 -0.15 -1.47
N VAL D 68 -16.61 0.85 -0.72
CA VAL D 68 -17.52 1.68 0.07
C VAL D 68 -17.65 3.02 -0.64
N ASN D 69 -18.88 3.36 -1.01
CA ASN D 69 -19.18 4.59 -1.74
C ASN D 69 -19.67 5.61 -0.72
N TRP D 70 -18.75 6.39 -0.17
CA TRP D 70 -19.07 7.28 0.93
C TRP D 70 -20.11 8.31 0.52
N LYS D 71 -21.11 8.50 1.37
CA LYS D 71 -22.21 9.42 1.11
C LYS D 71 -21.97 10.80 1.72
N PHE D 72 -20.83 11.00 2.38
CA PHE D 72 -20.52 12.27 3.01
C PHE D 72 -19.15 12.79 2.58
N SER D 73 -18.56 12.18 1.57
CA SER D 73 -17.24 12.56 1.10
C SER D 73 -17.14 12.22 -0.38
N GLU D 74 -16.26 12.95 -1.08
CA GLU D 74 -15.97 12.64 -2.47
C GLU D 74 -15.03 11.45 -2.63
N SER D 75 -14.60 10.86 -1.52
CA SER D 75 -13.63 9.78 -1.52
C SER D 75 -14.29 8.42 -1.70
N THR D 76 -13.47 7.43 -2.00
CA THR D 76 -13.87 6.04 -2.12
C THR D 76 -12.87 5.19 -1.36
N THR D 77 -13.35 4.15 -0.68
CA THR D 77 -12.47 3.15 -0.07
C THR D 77 -12.77 1.78 -0.65
N VAL D 78 -11.71 1.02 -0.91
CA VAL D 78 -11.84 -0.39 -1.24
C VAL D 78 -11.17 -1.21 -0.15
N PHE D 79 -11.78 -2.33 0.20
CA PHE D 79 -11.22 -3.29 1.15
C PHE D 79 -11.02 -4.62 0.46
N THR D 80 -9.92 -5.30 0.76
CA THR D 80 -9.79 -6.68 0.32
C THR D 80 -9.15 -7.48 1.45
N GLY D 81 -9.49 -8.76 1.51
CA GLY D 81 -8.93 -9.59 2.54
C GLY D 81 -9.47 -10.98 2.50
N GLN D 82 -9.41 -11.64 3.64
CA GLN D 82 -9.77 -13.05 3.72
C GLN D 82 -10.60 -13.31 4.96
N CYS D 83 -11.58 -14.18 4.82
CA CYS D 83 -12.48 -14.59 5.89
C CYS D 83 -11.85 -15.81 6.57
N PHE D 84 -11.27 -15.63 7.75
CA PHE D 84 -10.62 -16.73 8.45
C PHE D 84 -11.49 -17.27 9.58
N ILE D 85 -11.35 -18.57 9.84
CA ILE D 85 -11.81 -19.18 11.09
C ILE D 85 -10.59 -19.24 12.01
N ASP D 86 -10.61 -18.45 13.07
CA ASP D 86 -9.45 -18.34 13.93
C ASP D 86 -9.29 -19.58 14.80
N ARG D 87 -8.17 -19.64 15.53
CA ARG D 87 -7.87 -20.78 16.39
C ARG D 87 -9.00 -21.06 17.37
N ASN D 88 -9.66 -20.02 17.86
CA ASN D 88 -10.70 -20.20 18.85
C ASN D 88 -12.08 -20.44 18.23
N GLY D 89 -12.15 -20.60 16.91
CA GLY D 89 -13.41 -20.83 16.23
C GLY D 89 -14.17 -19.58 15.84
N LYS D 90 -13.69 -18.40 16.20
CA LYS D 90 -14.37 -17.17 15.81
C LYS D 90 -14.01 -16.80 14.37
N GLU D 91 -14.99 -16.26 13.65
CA GLU D 91 -14.73 -15.72 12.33
C GLU D 91 -14.08 -14.35 12.43
N VAL D 92 -13.05 -14.12 11.61
CA VAL D 92 -12.32 -12.86 11.63
C VAL D 92 -12.01 -12.48 10.18
N LEU D 93 -12.37 -11.26 9.81
CA LEU D 93 -11.99 -10.71 8.50
C LEU D 93 -10.67 -9.96 8.66
N LYS D 94 -9.64 -10.41 7.96
CA LYS D 94 -8.36 -9.71 7.92
C LYS D 94 -8.32 -8.93 6.60
N THR D 95 -8.31 -7.60 6.68
CA THR D 95 -8.44 -6.80 5.48
C THR D 95 -7.36 -5.72 5.42
N MET D 96 -7.08 -5.31 4.19
CA MET D 96 -6.36 -4.08 3.93
CA MET D 96 -6.32 -4.11 3.87
C MET D 96 -7.20 -3.21 3.04
N TRP D 97 -6.99 -1.91 3.13
CA TRP D 97 -7.82 -0.98 2.38
C TRP D 97 -6.98 0.09 1.72
N LEU D 98 -7.57 0.66 0.66
CA LEU D 98 -7.07 1.87 0.03
C LEU D 98 -8.19 2.92 0.07
N LEU D 99 -7.85 4.09 0.58
CA LEU D 99 -8.77 5.22 0.68
C LEU D 99 -8.32 6.24 -0.36
N ARG D 100 -9.16 6.46 -1.36
CA ARG D 100 -8.83 7.32 -2.49
C ARG D 100 -9.45 8.69 -2.28
N SER D 101 -8.60 9.70 -2.16
CA SER D 101 -9.03 11.10 -2.11
C SER D 101 -9.39 11.61 -3.49
N SER D 102 -10.30 12.58 -3.52
CA SER D 102 -10.52 13.40 -4.70
C SER D 102 -9.52 14.55 -4.70
N VAL D 103 -8.65 14.58 -5.69
CA VAL D 103 -7.74 15.69 -5.87
C VAL D 103 -8.19 16.50 -7.07
N ASN D 104 -7.70 17.74 -7.16
CA ASN D 104 -8.23 18.66 -8.15
C ASN D 104 -7.68 18.42 -9.55
N ASP D 105 -6.43 17.96 -9.65
CA ASP D 105 -5.74 17.86 -10.93
C ASP D 105 -4.97 16.55 -11.00
N ILE D 106 -4.79 16.04 -12.22
CA ILE D 106 -4.06 14.78 -12.41
C ILE D 106 -2.65 14.89 -11.84
N GLY D 107 -2.09 16.10 -11.80
CA GLY D 107 -0.77 16.29 -11.23
C GLY D 107 -0.72 16.11 -9.72
N ASP D 108 -1.86 16.14 -9.05
CA ASP D 108 -1.92 15.88 -7.62
C ASP D 108 -2.20 14.41 -7.30
N ASP D 109 -2.23 13.55 -8.31
CA ASP D 109 -2.59 12.15 -8.09
C ASP D 109 -1.70 11.50 -7.04
N TRP D 110 -0.42 11.88 -6.99
CA TRP D 110 0.54 11.19 -6.14
C TRP D 110 0.15 11.20 -4.67
N LYS D 111 -0.64 12.19 -4.23
CA LYS D 111 -0.95 12.28 -2.80
C LYS D 111 -2.35 11.81 -2.48
N ALA D 112 -3.00 11.09 -3.38
CA ALA D 112 -4.43 10.81 -3.29
C ALA D 112 -4.78 9.47 -2.64
N THR D 113 -3.82 8.58 -2.36
CA THR D 113 -4.17 7.24 -1.92
C THR D 113 -3.57 6.91 -0.57
N ARG D 114 -4.42 6.68 0.41
CA ARG D 114 -4.01 6.19 1.72
C ARG D 114 -4.23 4.69 1.80
N VAL D 115 -3.48 4.04 2.70
CA VAL D 115 -3.53 2.59 2.85
C VAL D 115 -3.54 2.27 4.34
N GLY D 116 -4.18 1.16 4.69
CA GLY D 116 -4.19 0.73 6.08
C GLY D 116 -4.83 -0.64 6.21
N ILE D 117 -5.05 -1.04 7.45
CA ILE D 117 -5.58 -2.34 7.80
C ILE D 117 -6.89 -2.17 8.54
N ASN D 118 -7.69 -3.23 8.53
CA ASN D 118 -8.77 -3.38 9.51
C ASN D 118 -8.98 -4.85 9.80
N ILE D 119 -9.25 -5.16 11.06
CA ILE D 119 -9.65 -6.49 11.47
C ILE D 119 -11.10 -6.41 11.90
N PHE D 120 -11.95 -7.27 11.34
CA PHE D 120 -13.37 -7.30 11.66
C PHE D 120 -13.72 -8.57 12.43
N THR D 121 -14.61 -8.43 13.41
CA THR D 121 -15.22 -9.57 14.08
C THR D 121 -16.72 -9.35 14.16
N ARG D 122 -17.47 -10.43 14.35
CA ARG D 122 -18.93 -10.35 14.26
C ARG D 122 -19.52 -9.52 15.39
N LEU D 123 -20.63 -8.87 15.09
CA LEU D 123 -21.46 -8.19 16.07
C LEU D 123 -22.70 -9.04 16.41
#